data_1VA5
#
_entry.id   1VA5
#
_cell.length_a   144.818
_cell.length_b   68.117
_cell.length_c   82.281
_cell.angle_alpha   90.00
_cell.angle_beta   119.60
_cell.angle_gamma   90.00
#
_symmetry.space_group_name_H-M   'C 1 2 1'
#
loop_
_entity.id
_entity.type
_entity.pdbx_description
1 polymer 'Antigen 85-C'
2 non-polymer 'octyl 1-thio-beta-D-glucopyranoside'
3 water water
#
_entity_poly.entity_id   1
_entity_poly.type   'polypeptide(L)'
_entity_poly.pdbx_seq_one_letter_code
;MFSRPGLPVEYLQVPSASMGRDIKVQFQGGGPHAVYLLDGLRAQDDYNGWDINTPAFEEYYQSGLSVIMPVGGQSSFYTD
WYQPSQSNGQNYTYKWETFLTREMPAWLQANKGVSPTGNAAVGLSMSGGSALILAAYYPQQFPYAASLSGFLNPSEGWWP
TLIGLAMNDSGGYNANSMWGPSSDPAWKRNDPMVQIPRLVANNTRIWVYCGNGTPSDLGGDNIPAKFLEGLTLRTNQTFR
DTYAADGGRNGVFNFPPNGTHSWPYWNEQLVAMKADIQHVLNGATPPAAPAAPAALGHHHHHH
;
_entity_poly.pdbx_strand_id   A,B
#
# COMPACT_ATOMS: atom_id res chain seq x y z
N MET A 1 -14.70 -5.05 28.09
CA MET A 1 -14.95 -6.52 28.18
C MET A 1 -15.56 -6.81 29.54
N PHE A 2 -15.14 -6.01 30.52
CA PHE A 2 -15.60 -6.09 31.91
C PHE A 2 -14.55 -5.35 32.75
N SER A 3 -15.01 -4.62 33.77
CA SER A 3 -14.09 -3.88 34.65
C SER A 3 -13.24 -4.91 35.40
N ARG A 4 -13.19 -4.85 36.74
CA ARG A 4 -12.38 -5.82 37.49
C ARG A 4 -12.21 -5.77 39.05
N PRO A 5 -11.54 -4.71 39.59
CA PRO A 5 -11.20 -4.40 40.99
C PRO A 5 -11.79 -5.08 42.23
N GLY A 6 -11.02 -4.89 43.30
CA GLY A 6 -11.27 -5.45 44.62
C GLY A 6 -9.87 -5.99 44.84
N LEU A 7 -9.14 -5.89 43.73
CA LEU A 7 -7.78 -6.34 43.56
C LEU A 7 -6.78 -5.26 43.96
N PRO A 8 -5.55 -5.69 44.30
CA PRO A 8 -4.46 -4.80 44.73
C PRO A 8 -3.74 -4.09 43.59
N VAL A 9 -4.49 -3.25 42.86
CA VAL A 9 -3.94 -2.49 41.75
C VAL A 9 -3.49 -1.12 42.24
N GLU A 10 -2.23 -0.77 41.98
CA GLU A 10 -1.69 0.50 42.42
C GLU A 10 -1.47 1.45 41.25
N TYR A 11 -1.36 2.73 41.56
CA TYR A 11 -1.12 3.76 40.56
C TYR A 11 0.17 4.45 40.98
N LEU A 12 1.22 4.26 40.19
CA LEU A 12 2.54 4.79 40.51
C LEU A 12 2.98 5.97 39.64
N GLN A 13 3.90 6.76 40.20
CA GLN A 13 4.48 7.90 39.49
C GLN A 13 5.97 7.59 39.38
N VAL A 14 6.39 7.14 38.21
CA VAL A 14 7.79 6.79 37.98
C VAL A 14 8.54 7.86 37.18
N PRO A 15 9.50 8.54 37.82
CA PRO A 15 10.27 9.58 37.14
C PRO A 15 11.04 9.07 35.93
N SER A 16 11.00 9.86 34.86
CA SER A 16 11.73 9.52 33.64
C SER A 16 12.74 10.63 33.40
N ALA A 17 13.99 10.36 33.75
CA ALA A 17 15.05 11.34 33.57
C ALA A 17 15.21 11.68 32.10
N SER A 18 15.03 10.69 31.23
CA SER A 18 15.18 10.91 29.80
C SER A 18 14.09 11.77 29.19
N MET A 19 12.87 11.68 29.72
CA MET A 19 11.76 12.47 29.20
C MET A 19 11.49 13.72 30.05
N GLY A 20 12.20 13.86 31.16
CA GLY A 20 12.02 15.01 32.02
C GLY A 20 10.62 15.13 32.62
N ARG A 21 9.98 14.00 32.91
CA ARG A 21 8.65 13.99 33.49
C ARG A 21 8.36 12.68 34.18
N ASP A 22 7.27 12.63 34.93
CA ASP A 22 6.89 11.42 35.64
C ASP A 22 5.92 10.63 34.79
N ILE A 23 6.14 9.32 34.71
CA ILE A 23 5.28 8.44 33.93
C ILE A 23 4.36 7.67 34.87
N LYS A 24 3.06 7.76 34.64
CA LYS A 24 2.10 7.05 35.48
C LYS A 24 2.13 5.58 35.08
N VAL A 25 2.09 4.69 36.07
CA VAL A 25 2.13 3.26 35.81
C VAL A 25 1.13 2.54 36.69
N GLN A 26 0.29 1.71 36.08
CA GLN A 26 -0.69 0.94 36.83
C GLN A 26 0.02 -0.38 37.16
N PHE A 27 -0.10 -0.83 38.40
CA PHE A 27 0.62 -2.02 38.81
C PHE A 27 -0.13 -2.98 39.73
N GLN A 28 0.03 -4.27 39.48
CA GLN A 28 -0.56 -5.31 40.31
C GLN A 28 0.55 -6.32 40.59
N GLY A 29 0.94 -6.42 41.85
CA GLY A 29 2.00 -7.34 42.24
C GLY A 29 1.50 -8.78 42.18
N GLY A 30 2.38 -9.73 42.47
CA GLY A 30 1.97 -11.11 42.44
C GLY A 30 3.10 -12.07 42.14
N GLY A 31 4.30 -11.54 41.94
CA GLY A 31 5.44 -12.38 41.63
C GLY A 31 6.63 -11.56 41.17
N PRO A 32 7.85 -12.10 41.26
CA PRO A 32 9.06 -11.39 40.83
C PRO A 32 9.12 -11.11 39.34
N HIS A 33 8.46 -11.94 38.54
CA HIS A 33 8.46 -11.73 37.10
C HIS A 33 7.14 -11.08 36.70
N ALA A 34 7.19 -10.26 35.65
CA ALA A 34 6.01 -9.55 35.24
C ALA A 34 5.67 -9.59 33.76
N VAL A 35 4.42 -9.22 33.48
CA VAL A 35 3.93 -9.12 32.13
C VAL A 35 3.77 -7.63 31.90
N TYR A 36 4.50 -7.12 30.91
CA TYR A 36 4.44 -5.71 30.55
C TYR A 36 3.33 -5.58 29.52
N LEU A 37 2.21 -4.98 29.90
CA LEU A 37 1.09 -4.80 28.96
C LEU A 37 1.14 -3.44 28.30
N LEU A 38 1.64 -3.40 27.06
CA LEU A 38 1.75 -2.16 26.29
C LEU A 38 0.41 -1.79 25.65
N ASP A 39 0.15 -0.49 25.55
CA ASP A 39 -1.10 0.02 25.01
C ASP A 39 -1.10 0.14 23.50
N GLY A 40 -2.24 0.57 22.95
CA GLY A 40 -2.37 0.75 21.52
C GLY A 40 -1.99 2.15 21.08
N LEU A 41 -2.30 2.48 19.82
CA LEU A 41 -1.98 3.78 19.25
C LEU A 41 -2.59 4.97 19.98
N ARG A 42 -3.85 4.83 20.38
CA ARG A 42 -4.57 5.90 21.07
C ARG A 42 -4.44 5.88 22.59
N ALA A 43 -3.28 5.43 23.07
CA ALA A 43 -3.02 5.36 24.51
C ALA A 43 -3.38 6.69 25.18
N GLN A 44 -4.17 6.61 26.25
CA GLN A 44 -4.60 7.80 26.99
C GLN A 44 -3.69 8.05 28.19
N ASP A 45 -3.82 9.24 28.79
CA ASP A 45 -2.99 9.61 29.94
C ASP A 45 -3.59 9.25 31.29
N ASP A 46 -4.82 8.76 31.31
CA ASP A 46 -5.45 8.39 32.58
C ASP A 46 -5.31 6.92 32.92
N TYR A 47 -5.66 6.05 31.97
CA TYR A 47 -5.58 4.60 32.19
C TYR A 47 -5.04 3.91 30.95
N ASN A 48 -4.35 2.79 31.16
CA ASN A 48 -3.81 2.00 30.07
C ASN A 48 -5.02 1.33 29.41
N GLY A 49 -4.99 1.21 28.08
CA GLY A 49 -6.09 0.59 27.35
C GLY A 49 -6.54 -0.78 27.80
N TRP A 50 -5.62 -1.59 28.33
CA TRP A 50 -5.98 -2.92 28.81
C TRP A 50 -6.94 -2.86 30.00
N ASP A 51 -6.70 -1.92 30.91
CA ASP A 51 -7.55 -1.78 32.08
C ASP A 51 -8.91 -1.20 31.69
N ILE A 52 -8.88 -0.25 30.75
CA ILE A 52 -10.12 0.39 30.30
C ILE A 52 -11.05 -0.59 29.57
N ASN A 53 -10.48 -1.40 28.68
CA ASN A 53 -11.28 -2.31 27.86
C ASN A 53 -11.31 -3.79 28.19
N THR A 54 -10.53 -4.25 29.17
CA THR A 54 -10.53 -5.66 29.48
C THR A 54 -10.38 -5.96 30.98
N PRO A 55 -10.63 -7.22 31.38
CA PRO A 55 -10.50 -7.63 32.78
C PRO A 55 -9.08 -8.16 33.01
N ALA A 56 -8.13 -7.60 32.27
CA ALA A 56 -6.72 -8.01 32.35
C ALA A 56 -6.19 -8.24 33.78
N PHE A 57 -6.32 -7.24 34.65
CA PHE A 57 -5.84 -7.39 36.02
C PHE A 57 -6.53 -8.57 36.73
N GLU A 58 -7.84 -8.66 36.58
CA GLU A 58 -8.58 -9.74 37.21
C GLU A 58 -8.12 -11.09 36.65
N GLU A 59 -7.87 -11.13 35.35
CA GLU A 59 -7.45 -12.35 34.68
C GLU A 59 -6.07 -12.87 35.08
N TYR A 60 -5.18 -11.97 35.49
CA TYR A 60 -3.84 -12.39 35.90
C TYR A 60 -3.63 -12.33 37.42
N TYR A 61 -4.70 -12.09 38.16
CA TYR A 61 -4.62 -12.03 39.62
C TYR A 61 -4.32 -13.43 40.17
N GLN A 62 -3.30 -13.51 41.01
CA GLN A 62 -2.87 -14.78 41.61
C GLN A 62 -2.35 -15.75 40.56
N SER A 63 -1.73 -15.21 39.51
CA SER A 63 -1.17 -16.01 38.44
C SER A 63 0.30 -16.31 38.71
N GLY A 64 0.86 -15.67 39.74
CA GLY A 64 2.25 -15.87 40.07
C GLY A 64 3.09 -14.88 39.27
N LEU A 65 2.42 -13.96 38.60
CA LEU A 65 3.09 -12.94 37.79
C LEU A 65 2.57 -11.56 38.15
N SER A 66 3.46 -10.56 38.15
CA SER A 66 3.04 -9.19 38.41
C SER A 66 2.56 -8.65 37.06
N VAL A 67 1.77 -7.59 37.09
CA VAL A 67 1.26 -7.00 35.86
C VAL A 67 1.59 -5.51 35.84
N ILE A 68 2.28 -5.09 34.80
CA ILE A 68 2.70 -3.70 34.65
C ILE A 68 1.99 -3.06 33.45
N MET A 69 1.27 -1.97 33.72
CA MET A 69 0.56 -1.23 32.69
C MET A 69 1.03 0.21 32.66
N PRO A 70 2.00 0.52 31.78
CA PRO A 70 2.45 1.91 31.75
C PRO A 70 1.32 2.73 31.13
N VAL A 71 1.20 3.98 31.54
CA VAL A 71 0.15 4.85 31.03
C VAL A 71 0.71 6.02 30.22
N GLY A 72 0.09 6.29 29.08
CA GLY A 72 0.52 7.38 28.23
C GLY A 72 1.28 6.96 26.99
N GLY A 73 1.85 7.95 26.31
CA GLY A 73 2.63 7.67 25.11
C GLY A 73 1.83 7.51 23.84
N GLN A 74 0.75 8.28 23.70
CA GLN A 74 -0.08 8.19 22.50
C GLN A 74 0.81 8.21 21.24
N SER A 75 0.54 7.30 20.30
CA SER A 75 1.28 7.22 19.05
C SER A 75 2.80 7.18 19.18
N SER A 76 3.31 6.70 20.31
CA SER A 76 4.75 6.69 20.54
C SER A 76 5.50 5.47 20.03
N PHE A 77 4.76 4.38 19.81
CA PHE A 77 5.36 3.11 19.39
C PHE A 77 6.36 2.63 20.43
N TYR A 78 6.28 3.23 21.62
CA TYR A 78 7.17 2.87 22.74
C TYR A 78 8.62 2.83 22.30
N THR A 79 9.01 3.80 21.50
CA THR A 79 10.37 3.87 20.99
C THR A 79 11.02 5.18 21.42
N ASP A 80 12.33 5.30 21.21
CA ASP A 80 13.03 6.53 21.55
C ASP A 80 13.01 7.38 20.28
N TRP A 81 12.31 8.51 20.32
CA TRP A 81 12.19 9.41 19.18
C TRP A 81 13.43 10.26 18.91
N TYR A 82 13.61 10.65 17.66
CA TYR A 82 14.74 11.49 17.28
C TYR A 82 14.59 12.87 17.89
N GLN A 83 13.35 13.36 17.94
CA GLN A 83 13.11 14.69 18.48
C GLN A 83 11.64 14.86 18.84
N PRO A 84 11.29 16.02 19.44
CA PRO A 84 9.88 16.26 19.81
C PRO A 84 9.04 16.22 18.54
N SER A 85 7.78 15.83 18.65
CA SER A 85 6.92 15.75 17.48
C SER A 85 6.71 17.14 16.89
N GLN A 86 7.27 17.35 15.70
CA GLN A 86 7.15 18.63 15.01
C GLN A 86 5.78 18.70 14.34
N SER A 87 4.77 19.13 15.09
CA SER A 87 3.42 19.21 14.56
C SER A 87 2.38 19.62 15.60
N ASN A 88 2.34 18.88 16.72
CA ASN A 88 1.37 19.13 17.78
C ASN A 88 1.90 19.86 19.01
N GLY A 89 3.06 20.49 18.88
CA GLY A 89 3.62 21.24 19.99
C GLY A 89 4.18 20.44 21.17
N GLN A 90 4.53 19.18 20.96
CA GLN A 90 5.10 18.37 22.02
C GLN A 90 6.36 19.12 22.50
N ASN A 91 6.45 19.39 23.80
CA ASN A 91 7.59 20.13 24.33
C ASN A 91 8.70 19.26 24.92
N TYR A 92 8.76 18.00 24.49
CA TYR A 92 9.79 17.10 24.98
C TYR A 92 9.91 15.92 24.02
N THR A 93 11.00 15.17 24.13
CA THR A 93 11.21 14.04 23.24
C THR A 93 10.82 12.71 23.89
N TYR A 94 9.99 11.94 23.20
CA TYR A 94 9.58 10.62 23.70
C TYR A 94 10.81 9.74 23.80
N LYS A 95 11.02 9.11 24.94
CA LYS A 95 12.15 8.20 25.12
C LYS A 95 11.60 6.97 25.83
N TRP A 96 10.58 6.36 25.23
CA TRP A 96 9.93 5.20 25.83
C TRP A 96 10.71 3.91 25.87
N GLU A 97 11.65 3.71 24.94
CA GLU A 97 12.44 2.49 24.99
C GLU A 97 13.36 2.59 26.20
N THR A 98 13.95 3.76 26.38
CA THR A 98 14.83 4.00 27.53
C THR A 98 14.04 3.83 28.83
N PHE A 99 12.83 4.35 28.86
CA PHE A 99 12.00 4.25 30.06
C PHE A 99 11.66 2.81 30.41
N LEU A 100 11.20 2.06 29.42
CA LEU A 100 10.82 0.66 29.62
C LEU A 100 11.96 -0.31 29.90
N THR A 101 13.14 -0.02 29.36
CA THR A 101 14.26 -0.94 29.56
C THR A 101 15.28 -0.53 30.61
N ARG A 102 15.20 0.69 31.11
CA ARG A 102 16.14 1.15 32.12
C ARG A 102 15.53 1.82 33.33
N GLU A 103 14.81 2.92 33.11
CA GLU A 103 14.21 3.68 34.20
C GLU A 103 13.11 2.96 34.97
N MET A 104 12.11 2.44 34.28
CA MET A 104 11.02 1.76 34.96
C MET A 104 11.41 0.48 35.68
N PRO A 105 12.13 -0.43 35.00
CA PRO A 105 12.53 -1.68 35.68
C PRO A 105 13.40 -1.44 36.92
N ALA A 106 14.25 -0.42 36.86
CA ALA A 106 15.10 -0.10 38.00
C ALA A 106 14.25 0.37 39.18
N TRP A 107 13.22 1.16 38.88
CA TRP A 107 12.32 1.68 39.90
C TRP A 107 11.55 0.53 40.55
N LEU A 108 10.96 -0.34 39.72
CA LEU A 108 10.19 -1.46 40.23
C LEU A 108 11.06 -2.47 40.98
N GLN A 109 12.31 -2.61 40.58
CA GLN A 109 13.18 -3.55 41.29
C GLN A 109 13.53 -3.01 42.68
N ALA A 110 14.01 -1.77 42.73
CA ALA A 110 14.40 -1.15 44.00
C ALA A 110 13.25 -1.05 45.00
N ASN A 111 12.09 -0.61 44.55
CA ASN A 111 10.97 -0.42 45.46
C ASN A 111 10.01 -1.59 45.67
N LYS A 112 9.95 -2.51 44.73
CA LYS A 112 9.00 -3.62 44.87
C LYS A 112 9.54 -5.02 44.69
N GLY A 113 10.80 -5.14 44.30
CA GLY A 113 11.37 -6.46 44.12
C GLY A 113 11.01 -7.13 42.80
N VAL A 114 10.55 -6.35 41.83
CA VAL A 114 10.22 -6.93 40.53
C VAL A 114 11.54 -7.11 39.80
N SER A 115 11.79 -8.32 39.33
CA SER A 115 13.03 -8.61 38.62
C SER A 115 13.14 -7.90 37.28
N PRO A 116 14.28 -7.26 37.01
CA PRO A 116 14.46 -6.57 35.73
C PRO A 116 14.66 -7.55 34.57
N THR A 117 14.80 -8.83 34.89
CA THR A 117 15.00 -9.87 33.88
C THR A 117 13.96 -10.99 33.96
N GLY A 118 13.80 -11.74 32.87
CA GLY A 118 12.85 -12.84 32.84
C GLY A 118 11.39 -12.44 32.80
N ASN A 119 11.08 -11.37 32.06
CA ASN A 119 9.72 -10.88 31.95
C ASN A 119 9.13 -11.08 30.55
N ALA A 120 7.89 -10.66 30.37
CA ALA A 120 7.21 -10.77 29.08
C ALA A 120 6.69 -9.42 28.61
N ALA A 121 6.90 -9.11 27.34
CA ALA A 121 6.41 -7.88 26.75
C ALA A 121 5.21 -8.27 25.89
N VAL A 122 4.06 -7.69 26.17
CA VAL A 122 2.84 -7.99 25.43
C VAL A 122 2.28 -6.70 24.85
N GLY A 123 2.15 -6.69 23.52
CA GLY A 123 1.63 -5.51 22.85
C GLY A 123 0.56 -5.86 21.85
N LEU A 124 -0.22 -4.86 21.45
CA LEU A 124 -1.29 -5.06 20.48
C LEU A 124 -1.31 -3.86 19.55
N SER A 125 -1.76 -4.08 18.32
CA SER A 125 -1.84 -3.02 17.33
C SER A 125 -0.48 -2.33 17.30
N MET A 126 -0.46 -1.01 17.51
CA MET A 126 0.79 -0.25 17.50
C MET A 126 1.94 -0.93 18.25
N SER A 127 1.68 -1.36 19.48
CA SER A 127 2.73 -1.97 20.30
C SER A 127 3.04 -3.44 20.05
N GLY A 128 2.32 -4.07 19.11
CA GLY A 128 2.59 -5.47 18.81
C GLY A 128 4.03 -5.58 18.34
N GLY A 129 4.40 -4.73 17.39
CA GLY A 129 5.75 -4.74 16.88
C GLY A 129 6.75 -4.32 17.96
N SER A 130 6.38 -3.34 18.77
CA SER A 130 7.25 -2.86 19.84
C SER A 130 7.65 -3.98 20.81
N ALA A 131 6.69 -4.84 21.17
CA ALA A 131 7.00 -5.94 22.09
C ALA A 131 8.05 -6.87 21.48
N LEU A 132 7.93 -7.17 20.19
CA LEU A 132 8.90 -8.04 19.53
C LEU A 132 10.27 -7.36 19.42
N ILE A 133 10.28 -6.06 19.18
CA ILE A 133 11.53 -5.32 19.08
C ILE A 133 12.25 -5.29 20.43
N LEU A 134 11.47 -5.09 21.50
CA LEU A 134 12.03 -5.06 22.85
C LEU A 134 12.69 -6.41 23.15
N ALA A 135 12.04 -7.50 22.75
CA ALA A 135 12.57 -8.83 22.97
C ALA A 135 13.82 -9.06 22.12
N ALA A 136 13.82 -8.48 20.91
CA ALA A 136 14.94 -8.63 20.00
C ALA A 136 16.22 -7.97 20.51
N TYR A 137 16.10 -6.79 21.10
CA TYR A 137 17.29 -6.09 21.59
C TYR A 137 17.55 -6.21 23.10
N TYR A 138 16.57 -6.70 23.85
CA TYR A 138 16.74 -6.86 25.29
C TYR A 138 16.29 -8.24 25.76
N PRO A 139 16.93 -9.29 25.23
CA PRO A 139 16.59 -10.68 25.57
C PRO A 139 16.62 -11.05 27.05
N GLN A 140 17.54 -10.47 27.82
CA GLN A 140 17.61 -10.78 29.23
C GLN A 140 16.34 -10.30 29.92
N GLN A 141 15.90 -9.11 29.58
CA GLN A 141 14.69 -8.54 30.17
C GLN A 141 13.42 -9.21 29.64
N PHE A 142 13.42 -9.51 28.34
CA PHE A 142 12.25 -10.11 27.71
C PHE A 142 12.47 -11.42 26.95
N PRO A 143 12.51 -12.55 27.66
CA PRO A 143 12.71 -13.82 26.95
C PRO A 143 11.41 -14.23 26.27
N TYR A 144 10.33 -13.49 26.58
CA TYR A 144 9.01 -13.76 26.04
C TYR A 144 8.39 -12.48 25.46
N ALA A 145 7.78 -12.59 24.29
CA ALA A 145 7.14 -11.43 23.68
C ALA A 145 5.90 -11.86 22.89
N ALA A 146 4.82 -11.11 23.04
CA ALA A 146 3.60 -11.41 22.31
C ALA A 146 3.19 -10.18 21.50
N SER A 147 2.76 -10.43 20.26
CA SER A 147 2.30 -9.37 19.37
C SER A 147 0.89 -9.72 18.94
N LEU A 148 -0.06 -8.89 19.32
CA LEU A 148 -1.45 -9.12 18.99
C LEU A 148 -1.88 -8.13 17.92
N SER A 149 -2.08 -8.64 16.70
CA SER A 149 -2.51 -7.81 15.57
C SER A 149 -1.50 -6.69 15.35
N GLY A 150 -0.22 -7.02 15.43
CA GLY A 150 0.81 -6.01 15.22
C GLY A 150 1.08 -5.73 13.76
N PHE A 151 1.86 -4.68 13.50
CA PHE A 151 2.24 -4.29 12.15
C PHE A 151 3.71 -4.65 12.12
N LEU A 152 3.96 -5.88 11.69
CA LEU A 152 5.29 -6.47 11.69
C LEU A 152 6.30 -6.19 10.58
N ASN A 153 6.02 -5.25 9.69
CA ASN A 153 6.96 -4.91 8.62
C ASN A 153 6.80 -3.40 8.35
N PRO A 154 6.95 -2.58 9.39
CA PRO A 154 6.81 -1.11 9.31
C PRO A 154 7.64 -0.37 8.28
N SER A 155 8.81 -0.91 7.92
CA SER A 155 9.68 -0.25 6.95
C SER A 155 9.37 -0.61 5.50
N GLU A 156 8.49 -1.59 5.27
CA GLU A 156 8.18 -2.02 3.91
C GLU A 156 7.01 -1.33 3.21
N GLY A 157 7.17 -1.16 1.90
CA GLY A 157 6.14 -0.56 1.07
C GLY A 157 5.47 0.70 1.60
N TRP A 158 4.15 0.66 1.69
CA TRP A 158 3.39 1.82 2.13
C TRP A 158 3.20 1.95 3.65
N TRP A 159 3.70 0.98 4.41
CA TRP A 159 3.54 1.03 5.87
C TRP A 159 4.05 2.32 6.51
N PRO A 160 5.24 2.82 6.11
CA PRO A 160 5.71 4.05 6.74
C PRO A 160 4.72 5.20 6.52
N THR A 161 4.13 5.25 5.32
CA THR A 161 3.16 6.28 4.99
C THR A 161 1.87 6.10 5.80
N LEU A 162 1.39 4.88 5.86
CA LEU A 162 0.17 4.57 6.61
C LEU A 162 0.35 4.81 8.10
N ILE A 163 1.52 4.47 8.61
CA ILE A 163 1.82 4.67 10.03
C ILE A 163 1.85 6.17 10.31
N GLY A 164 2.38 6.93 9.36
CA GLY A 164 2.45 8.38 9.51
C GLY A 164 1.06 8.98 9.56
N LEU A 165 0.17 8.50 8.71
CA LEU A 165 -1.21 8.99 8.67
C LEU A 165 -1.94 8.65 9.96
N ALA A 166 -1.76 7.42 10.43
CA ALA A 166 -2.39 6.97 11.67
C ALA A 166 -1.90 7.78 12.87
N MET A 167 -0.59 8.05 12.90
CA MET A 167 0.00 8.81 13.99
C MET A 167 -0.54 10.24 13.99
N ASN A 168 -0.76 10.80 12.80
CA ASN A 168 -1.28 12.16 12.70
C ASN A 168 -2.72 12.19 13.19
N ASP A 169 -3.47 11.15 12.85
CA ASP A 169 -4.87 11.04 13.25
C ASP A 169 -5.01 10.83 14.74
N SER A 170 -3.99 10.24 15.35
CA SER A 170 -4.02 9.96 16.79
C SER A 170 -3.17 10.96 17.58
N GLY A 171 -3.69 12.17 17.78
CA GLY A 171 -2.94 13.16 18.53
C GLY A 171 -2.07 14.08 17.69
N GLY A 172 -2.14 13.93 16.37
CA GLY A 172 -1.36 14.78 15.50
C GLY A 172 0.15 14.57 15.54
N TYR A 173 0.59 13.37 15.88
CA TYR A 173 2.03 13.09 15.95
C TYR A 173 2.66 12.90 14.57
N ASN A 174 3.94 13.22 14.47
CA ASN A 174 4.69 13.15 13.22
C ASN A 174 5.71 12.00 13.18
N ALA A 175 5.46 11.02 12.31
CA ALA A 175 6.35 9.86 12.18
C ALA A 175 7.78 10.26 11.82
N ASN A 176 7.94 11.41 11.16
CA ASN A 176 9.27 11.87 10.78
C ASN A 176 10.12 12.26 11.99
N SER A 177 9.47 12.75 13.04
CA SER A 177 10.20 13.15 14.24
C SER A 177 10.60 11.90 15.02
N MET A 178 9.86 10.81 14.81
CA MET A 178 10.12 9.55 15.49
C MET A 178 11.31 8.79 14.91
N TRP A 179 11.15 8.27 13.69
CA TRP A 179 12.22 7.52 13.05
C TRP A 179 12.75 8.16 11.76
N GLY A 180 12.40 9.42 11.54
CA GLY A 180 12.85 10.12 10.34
C GLY A 180 12.15 9.68 9.07
N PRO A 181 12.70 10.01 7.88
CA PRO A 181 12.08 9.61 6.61
C PRO A 181 12.11 8.08 6.52
N SER A 182 11.24 7.50 5.72
CA SER A 182 11.19 6.05 5.58
C SER A 182 12.56 5.46 5.19
N SER A 183 13.43 6.31 4.67
CA SER A 183 14.76 5.86 4.26
C SER A 183 15.76 5.84 5.42
N ASP A 184 15.38 6.40 6.55
CA ASP A 184 16.24 6.43 7.74
C ASP A 184 16.41 5.01 8.31
N PRO A 185 17.62 4.65 8.73
CA PRO A 185 17.90 3.33 9.29
C PRO A 185 17.05 2.94 10.51
N ALA A 186 16.43 3.92 11.14
CA ALA A 186 15.60 3.66 12.31
C ALA A 186 14.39 2.81 11.95
N TRP A 187 13.90 2.95 10.73
CA TRP A 187 12.73 2.17 10.32
C TRP A 187 13.03 0.68 10.27
N LYS A 188 14.20 0.30 9.77
CA LYS A 188 14.56 -1.11 9.70
C LYS A 188 15.01 -1.63 11.06
N ARG A 189 15.63 -0.76 11.86
CA ARG A 189 16.10 -1.15 13.20
C ARG A 189 14.92 -1.60 14.06
N ASN A 190 13.78 -0.94 13.86
CA ASN A 190 12.57 -1.24 14.62
C ASN A 190 11.53 -2.05 13.84
N ASP A 191 11.98 -2.76 12.82
CA ASP A 191 11.08 -3.58 11.99
C ASP A 191 11.20 -5.03 12.43
N PRO A 192 10.15 -5.57 13.08
CA PRO A 192 10.17 -6.96 13.55
C PRO A 192 10.64 -7.95 12.47
N MET A 193 10.12 -7.77 11.26
CA MET A 193 10.46 -8.63 10.13
C MET A 193 11.98 -8.64 9.92
N VAL A 194 12.55 -7.45 9.87
CA VAL A 194 13.99 -7.31 9.66
C VAL A 194 14.79 -7.86 10.86
N GLN A 195 14.21 -7.78 12.05
CA GLN A 195 14.92 -8.26 13.24
C GLN A 195 14.65 -9.72 13.63
N ILE A 196 14.02 -10.46 12.74
CA ILE A 196 13.72 -11.87 13.00
C ILE A 196 14.99 -12.64 13.39
N PRO A 197 16.11 -12.40 12.69
CA PRO A 197 17.35 -13.11 13.02
C PRO A 197 17.74 -12.94 14.50
N ARG A 198 17.44 -11.78 15.07
CA ARG A 198 17.75 -11.53 16.48
C ARG A 198 16.86 -12.37 17.37
N LEU A 199 15.58 -12.46 17.02
CA LEU A 199 14.64 -13.26 17.80
C LEU A 199 15.04 -14.74 17.74
N VAL A 200 15.61 -15.14 16.60
CA VAL A 200 16.05 -16.53 16.44
C VAL A 200 17.29 -16.77 17.31
N ALA A 201 18.26 -15.88 17.19
CA ALA A 201 19.50 -15.98 17.97
C ALA A 201 19.20 -16.03 19.47
N ASN A 202 18.28 -15.18 19.93
CA ASN A 202 17.91 -15.13 21.35
C ASN A 202 17.03 -16.29 21.78
N ASN A 203 16.44 -16.98 20.82
CA ASN A 203 15.56 -18.10 21.13
C ASN A 203 14.36 -17.56 21.91
N THR A 204 13.96 -16.33 21.57
CA THR A 204 12.83 -15.67 22.22
C THR A 204 11.57 -16.51 22.02
N ARG A 205 10.75 -16.62 23.06
CA ARG A 205 9.50 -17.35 22.93
C ARG A 205 8.52 -16.28 22.45
N ILE A 206 7.98 -16.42 21.24
CA ILE A 206 7.04 -15.42 20.74
C ILE A 206 5.64 -15.97 20.55
N TRP A 207 4.66 -15.12 20.82
CA TRP A 207 3.25 -15.44 20.66
C TRP A 207 2.74 -14.41 19.68
N VAL A 208 2.45 -14.84 18.46
CA VAL A 208 1.98 -13.93 17.43
C VAL A 208 0.57 -14.22 16.99
N TYR A 209 -0.31 -13.23 17.17
CA TYR A 209 -1.71 -13.37 16.80
C TYR A 209 -2.20 -12.31 15.82
N CYS A 210 -3.19 -12.70 15.02
CA CYS A 210 -3.83 -11.78 14.09
C CYS A 210 -5.10 -12.41 13.52
N GLY A 211 -6.21 -11.67 13.61
CA GLY A 211 -7.46 -12.15 13.09
C GLY A 211 -7.49 -12.00 11.58
N ASN A 212 -8.60 -12.37 10.95
CA ASN A 212 -8.69 -12.28 9.49
C ASN A 212 -9.67 -11.19 9.04
N GLY A 213 -10.30 -10.51 9.99
CA GLY A 213 -11.21 -9.45 9.62
C GLY A 213 -12.68 -9.80 9.77
N THR A 214 -12.98 -11.05 10.10
CA THR A 214 -14.36 -11.47 10.26
C THR A 214 -14.73 -11.49 11.75
N PRO A 215 -15.62 -10.59 12.17
CA PRO A 215 -16.04 -10.53 13.57
C PRO A 215 -16.87 -11.73 14.01
N SER A 216 -16.87 -11.99 15.31
CA SER A 216 -17.66 -13.06 15.91
C SER A 216 -18.56 -12.32 16.91
N ASP A 217 -19.24 -13.07 17.77
CA ASP A 217 -20.11 -12.44 18.77
C ASP A 217 -19.34 -11.60 19.78
N LEU A 218 -18.00 -11.66 19.72
CA LEU A 218 -17.18 -10.89 20.63
C LEU A 218 -17.25 -9.40 20.28
N GLY A 219 -17.70 -9.10 19.07
CA GLY A 219 -17.83 -7.70 18.66
C GLY A 219 -16.77 -7.16 17.73
N GLY A 220 -16.53 -5.86 17.83
CA GLY A 220 -15.54 -5.21 16.97
C GLY A 220 -16.00 -5.22 15.52
N ASP A 221 -17.31 -5.27 15.33
CA ASP A 221 -17.88 -5.31 13.99
C ASP A 221 -18.07 -3.93 13.37
N ASN A 222 -17.00 -3.40 12.79
CA ASN A 222 -17.05 -2.10 12.12
C ASN A 222 -15.99 -2.11 11.02
N ILE A 223 -16.24 -1.34 9.97
CA ILE A 223 -15.34 -1.28 8.83
C ILE A 223 -13.85 -1.11 9.16
N PRO A 224 -13.49 -0.08 9.93
CA PRO A 224 -12.08 0.13 10.28
C PRO A 224 -11.45 -1.10 10.93
N ALA A 225 -12.11 -1.62 11.95
CA ALA A 225 -11.62 -2.80 12.68
C ALA A 225 -11.44 -4.00 11.75
N LYS A 226 -12.41 -4.20 10.85
CA LYS A 226 -12.34 -5.34 9.93
C LYS A 226 -11.24 -5.17 8.88
N PHE A 227 -11.16 -4.00 8.26
CA PHE A 227 -10.15 -3.74 7.23
C PHE A 227 -8.72 -3.79 7.75
N LEU A 228 -8.47 -3.12 8.87
CA LEU A 228 -7.14 -3.10 9.44
C LEU A 228 -6.62 -4.50 9.76
N GLU A 229 -7.47 -5.33 10.36
CA GLU A 229 -7.05 -6.69 10.71
C GLU A 229 -6.74 -7.49 9.45
N GLY A 230 -7.59 -7.36 8.44
CA GLY A 230 -7.38 -8.07 7.20
C GLY A 230 -6.08 -7.67 6.53
N LEU A 231 -5.80 -6.37 6.55
CA LEU A 231 -4.60 -5.84 5.93
C LEU A 231 -3.32 -6.31 6.65
N THR A 232 -3.24 -6.09 7.95
CA THR A 232 -2.03 -6.48 8.67
C THR A 232 -1.85 -7.98 8.78
N LEU A 233 -2.92 -8.76 8.57
CA LEU A 233 -2.79 -10.21 8.63
C LEU A 233 -1.74 -10.66 7.61
N ARG A 234 -1.72 -10.00 6.45
CA ARG A 234 -0.77 -10.34 5.40
C ARG A 234 0.66 -10.22 5.90
N THR A 235 0.92 -9.19 6.69
CA THR A 235 2.25 -8.98 7.23
C THR A 235 2.59 -10.05 8.26
N ASN A 236 1.59 -10.44 9.04
CA ASN A 236 1.77 -11.46 10.06
C ASN A 236 2.05 -12.82 9.46
N GLN A 237 1.41 -13.11 8.32
CA GLN A 237 1.60 -14.38 7.65
C GLN A 237 3.02 -14.45 7.09
N THR A 238 3.50 -13.31 6.57
CA THR A 238 4.84 -13.24 6.00
C THR A 238 5.88 -13.29 7.11
N PHE A 239 5.52 -12.78 8.28
CA PHE A 239 6.43 -12.80 9.42
C PHE A 239 6.61 -14.26 9.80
N ARG A 240 5.49 -14.98 9.91
CA ARG A 240 5.51 -16.39 10.27
C ARG A 240 6.36 -17.19 9.29
N ASP A 241 6.17 -16.95 8.01
CA ASP A 241 6.92 -17.65 6.96
C ASP A 241 8.42 -17.38 7.09
N THR A 242 8.78 -16.12 7.26
CA THR A 242 10.17 -15.71 7.38
C THR A 242 10.82 -16.23 8.66
N TYR A 243 10.06 -16.24 9.75
CA TYR A 243 10.54 -16.73 11.04
C TYR A 243 10.97 -18.18 10.88
N ALA A 244 10.08 -18.99 10.31
CA ALA A 244 10.36 -20.42 10.09
C ALA A 244 11.57 -20.61 9.17
N ALA A 245 11.57 -19.88 8.06
CA ALA A 245 12.66 -19.96 7.08
C ALA A 245 14.00 -19.56 7.69
N ASP A 246 13.97 -18.67 8.67
CA ASP A 246 15.20 -18.20 9.31
C ASP A 246 15.67 -19.07 10.47
N GLY A 247 14.95 -20.17 10.73
CA GLY A 247 15.35 -21.06 11.81
C GLY A 247 14.53 -20.90 13.09
N GLY A 248 13.52 -20.05 13.03
CA GLY A 248 12.69 -19.83 14.21
C GLY A 248 12.02 -21.13 14.64
N ARG A 249 12.01 -21.41 15.94
CA ARG A 249 11.40 -22.64 16.42
C ARG A 249 10.79 -22.52 17.82
N ASN A 250 10.56 -21.29 18.27
CA ASN A 250 9.99 -21.12 19.60
C ASN A 250 8.77 -20.20 19.58
N GLY A 251 7.96 -20.33 18.54
CA GLY A 251 6.80 -19.46 18.47
C GLY A 251 5.46 -20.14 18.39
N VAL A 252 4.43 -19.36 18.72
CA VAL A 252 3.05 -19.80 18.65
C VAL A 252 2.41 -18.79 17.70
N PHE A 253 1.81 -19.30 16.62
CA PHE A 253 1.17 -18.44 15.64
C PHE A 253 -0.32 -18.73 15.57
N ASN A 254 -1.12 -17.77 16.02
CA ASN A 254 -2.57 -17.92 16.05
C ASN A 254 -3.23 -17.06 14.98
N PHE A 255 -3.65 -17.69 13.90
CA PHE A 255 -4.30 -17.01 12.79
C PHE A 255 -5.66 -17.66 12.54
N PRO A 256 -6.59 -17.55 13.49
CA PRO A 256 -7.92 -18.16 13.32
C PRO A 256 -8.72 -17.41 12.24
N PRO A 257 -9.78 -18.05 11.71
CA PRO A 257 -10.62 -17.42 10.68
C PRO A 257 -11.64 -16.43 11.23
N ASN A 258 -11.21 -15.59 12.16
CA ASN A 258 -12.09 -14.59 12.76
C ASN A 258 -11.26 -13.52 13.48
N GLY A 259 -11.94 -12.52 14.02
CA GLY A 259 -11.27 -11.46 14.74
C GLY A 259 -11.05 -10.17 13.96
N THR A 260 -11.30 -9.05 14.63
CA THR A 260 -11.09 -7.74 14.00
C THR A 260 -10.11 -6.97 14.88
N HIS A 261 -9.70 -5.79 14.41
CA HIS A 261 -8.73 -4.98 15.16
C HIS A 261 -9.42 -4.33 16.35
N SER A 262 -9.79 -5.13 17.35
CA SER A 262 -10.48 -4.61 18.52
C SER A 262 -10.12 -5.35 19.83
N TRP A 263 -10.38 -4.69 20.95
CA TRP A 263 -10.05 -5.23 22.27
C TRP A 263 -10.59 -6.60 22.68
N PRO A 264 -11.83 -6.94 22.31
CA PRO A 264 -12.35 -8.25 22.72
C PRO A 264 -11.43 -9.41 22.32
N TYR A 265 -10.91 -9.36 21.11
CA TYR A 265 -10.03 -10.42 20.63
C TYR A 265 -8.66 -10.38 21.28
N TRP A 266 -8.14 -9.19 21.53
CA TRP A 266 -6.85 -9.09 22.19
C TRP A 266 -6.96 -9.63 23.61
N ASN A 267 -8.12 -9.44 24.23
CA ASN A 267 -8.30 -9.96 25.59
C ASN A 267 -8.37 -11.49 25.57
N GLU A 268 -9.01 -12.04 24.55
CA GLU A 268 -9.13 -13.49 24.42
C GLU A 268 -7.74 -14.09 24.31
N GLN A 269 -6.85 -13.42 23.57
CA GLN A 269 -5.49 -13.90 23.41
C GLN A 269 -4.67 -13.74 24.69
N LEU A 270 -4.93 -12.67 25.42
CA LEU A 270 -4.22 -12.43 26.68
C LEU A 270 -4.48 -13.58 27.65
N VAL A 271 -5.73 -14.05 27.66
CA VAL A 271 -6.13 -15.15 28.51
C VAL A 271 -5.51 -16.45 28.01
N ALA A 272 -5.54 -16.65 26.70
CA ALA A 272 -4.99 -17.86 26.10
C ALA A 272 -3.49 -18.03 26.33
N MET A 273 -2.76 -16.93 26.36
CA MET A 273 -1.31 -17.00 26.56
C MET A 273 -0.88 -17.09 28.02
N LYS A 274 -1.80 -16.89 28.95
CA LYS A 274 -1.45 -16.91 30.37
C LYS A 274 -0.67 -18.15 30.78
N ALA A 275 -1.21 -19.32 30.51
CA ALA A 275 -0.52 -20.56 30.87
C ALA A 275 0.82 -20.67 30.17
N ASP A 276 0.90 -20.18 28.93
CA ASP A 276 2.15 -20.24 28.18
C ASP A 276 3.22 -19.38 28.85
N ILE A 277 2.83 -18.19 29.30
CA ILE A 277 3.76 -17.29 29.96
C ILE A 277 4.19 -17.87 31.32
N GLN A 278 3.22 -18.39 32.06
CA GLN A 278 3.51 -18.97 33.38
C GLN A 278 4.56 -20.08 33.27
N HIS A 279 4.38 -20.97 32.30
CA HIS A 279 5.31 -22.07 32.14
C HIS A 279 6.68 -21.61 31.64
N VAL A 280 6.71 -20.61 30.78
CA VAL A 280 7.98 -20.12 30.25
C VAL A 280 8.75 -19.26 31.26
N LEU A 281 8.05 -18.39 31.97
CA LEU A 281 8.72 -17.50 32.93
C LEU A 281 8.91 -18.09 34.33
N ASN A 282 8.03 -18.99 34.74
CA ASN A 282 8.13 -19.59 36.06
C ASN A 282 8.47 -21.07 36.03
N GLY A 283 8.83 -21.58 34.85
CA GLY A 283 9.20 -22.97 34.71
C GLY A 283 8.19 -23.96 35.28
N MET B 1 -23.79 7.00 -24.60
CA MET B 1 -23.30 7.48 -25.92
C MET B 1 -22.55 6.40 -26.69
N PHE B 2 -22.00 6.77 -27.84
CA PHE B 2 -21.27 5.84 -28.69
C PHE B 2 -20.72 6.64 -29.87
N SER B 3 -21.47 7.69 -30.22
CA SER B 3 -21.18 8.60 -31.34
C SER B 3 -22.18 8.25 -32.44
N ARG B 4 -21.91 7.14 -33.12
CA ARG B 4 -22.73 6.62 -34.21
C ARG B 4 -23.73 7.59 -34.86
N PRO B 5 -23.22 8.68 -35.45
CA PRO B 5 -24.10 9.66 -36.10
C PRO B 5 -23.96 9.47 -37.61
N GLY B 6 -23.19 8.45 -37.99
CA GLY B 6 -22.94 8.17 -39.39
C GLY B 6 -21.51 8.52 -39.71
N LEU B 7 -20.61 8.23 -38.78
CA LEU B 7 -19.19 8.52 -38.94
C LEU B 7 -18.51 7.42 -39.77
N PRO B 8 -17.41 7.77 -40.46
CA PRO B 8 -16.67 6.83 -41.29
C PRO B 8 -15.75 5.91 -40.48
N VAL B 9 -16.34 5.15 -39.57
CA VAL B 9 -15.58 4.24 -38.73
C VAL B 9 -15.53 2.84 -39.33
N GLU B 10 -14.31 2.33 -39.51
CA GLU B 10 -14.12 0.99 -40.07
C GLU B 10 -13.68 0.01 -38.99
N TYR B 11 -13.94 -1.26 -39.22
CA TYR B 11 -13.55 -2.34 -38.31
C TYR B 11 -12.58 -3.22 -39.10
N LEU B 12 -11.33 -3.24 -38.66
CA LEU B 12 -10.29 -3.99 -39.36
C LEU B 12 -9.81 -5.25 -38.65
N GLN B 13 -9.29 -6.19 -39.43
CA GLN B 13 -8.75 -7.44 -38.88
C GLN B 13 -7.27 -7.38 -39.23
N VAL B 14 -6.44 -7.03 -38.24
CA VAL B 14 -5.01 -6.92 -38.45
C VAL B 14 -4.26 -8.12 -37.90
N PRO B 15 -3.64 -8.91 -38.79
CA PRO B 15 -2.90 -10.10 -38.37
C PRO B 15 -1.73 -9.77 -37.44
N SER B 16 -1.62 -10.53 -36.36
CA SER B 16 -0.53 -10.37 -35.40
C SER B 16 0.29 -11.65 -35.44
N ALA B 17 1.43 -11.60 -36.11
CA ALA B 17 2.29 -12.78 -36.22
C ALA B 17 2.78 -13.22 -34.84
N SER B 18 3.12 -12.26 -33.99
CA SER B 18 3.64 -12.56 -32.66
C SER B 18 2.61 -13.23 -31.76
N MET B 19 1.34 -12.90 -31.92
CA MET B 19 0.31 -13.52 -31.08
C MET B 19 -0.42 -14.66 -31.77
N GLY B 20 -0.12 -14.89 -33.05
CA GLY B 20 -0.75 -15.96 -33.79
C GLY B 20 -2.24 -15.83 -33.98
N ARG B 21 -2.74 -14.61 -34.09
CA ARG B 21 -4.16 -14.36 -34.29
C ARG B 21 -4.41 -12.98 -34.87
N ASP B 22 -5.66 -12.72 -35.25
CA ASP B 22 -6.01 -11.44 -35.83
C ASP B 22 -6.54 -10.51 -34.75
N ILE B 23 -6.09 -9.26 -34.78
CA ILE B 23 -6.51 -8.27 -33.80
C ILE B 23 -7.50 -7.31 -34.43
N LYS B 24 -8.69 -7.21 -33.86
CA LYS B 24 -9.71 -6.30 -34.38
C LYS B 24 -9.29 -4.87 -34.02
N VAL B 25 -9.47 -3.96 -34.97
CA VAL B 25 -9.12 -2.55 -34.76
C VAL B 25 -10.17 -1.63 -35.34
N GLN B 26 -10.68 -0.73 -34.51
CA GLN B 26 -11.67 0.25 -34.98
C GLN B 26 -10.85 1.42 -35.51
N PHE B 27 -11.20 1.89 -36.70
CA PHE B 27 -10.43 2.96 -37.33
C PHE B 27 -11.24 4.05 -38.02
N GLN B 28 -10.80 5.29 -37.84
CA GLN B 28 -11.42 6.44 -38.48
C GLN B 28 -10.32 7.27 -39.11
N GLY B 29 -10.32 7.34 -40.44
CA GLY B 29 -9.30 8.10 -41.14
C GLY B 29 -9.49 9.58 -40.92
N GLY B 30 -8.56 10.39 -41.40
CA GLY B 30 -8.68 11.83 -41.22
C GLY B 30 -7.35 12.56 -41.30
N GLY B 31 -6.28 11.82 -41.55
CA GLY B 31 -4.97 12.43 -41.65
C GLY B 31 -3.87 11.39 -41.54
N PRO B 32 -2.64 11.71 -42.00
CA PRO B 32 -1.51 10.78 -41.95
C PRO B 32 -1.03 10.42 -40.54
N HIS B 33 -1.29 11.31 -39.59
CA HIS B 33 -0.90 11.06 -38.22
C HIS B 33 -2.13 10.66 -37.41
N ALA B 34 -1.94 9.81 -36.41
CA ALA B 34 -3.07 9.34 -35.64
C ALA B 34 -2.93 9.38 -34.13
N VAL B 35 -4.09 9.25 -33.49
CA VAL B 35 -4.19 9.20 -32.05
C VAL B 35 -4.56 7.75 -31.74
N TYR B 36 -3.65 7.06 -31.05
CA TYR B 36 -3.85 5.67 -30.64
C TYR B 36 -4.62 5.72 -29.32
N LEU B 37 -5.88 5.31 -29.33
CA LEU B 37 -6.69 5.33 -28.11
C LEU B 37 -6.69 3.96 -27.44
N LEU B 38 -5.86 3.80 -26.41
CA LEU B 38 -5.76 2.54 -25.66
C LEU B 38 -6.91 2.38 -24.67
N ASP B 39 -7.34 1.14 -24.46
CA ASP B 39 -8.47 0.83 -23.57
C ASP B 39 -8.03 0.66 -22.12
N GLY B 40 -9.01 0.42 -21.25
CA GLY B 40 -8.74 0.23 -19.83
C GLY B 40 -8.53 -1.24 -19.48
N LEU B 41 -8.41 -1.52 -18.19
CA LEU B 41 -8.18 -2.87 -17.69
C LEU B 41 -9.19 -3.92 -18.18
N ARG B 42 -10.46 -3.53 -18.22
CA ARG B 42 -11.53 -4.44 -18.62
C ARG B 42 -11.83 -4.42 -20.12
N ALA B 43 -10.82 -4.18 -20.93
CA ALA B 43 -10.97 -4.14 -22.38
C ALA B 43 -11.76 -5.35 -22.90
N GLN B 44 -12.79 -5.08 -23.70
CA GLN B 44 -13.61 -6.15 -24.27
C GLN B 44 -13.15 -6.51 -25.68
N ASP B 45 -13.69 -7.61 -26.22
CA ASP B 45 -13.30 -8.08 -27.55
C ASP B 45 -14.22 -7.60 -28.68
N ASP B 46 -15.32 -6.93 -28.32
CA ASP B 46 -16.24 -6.44 -29.33
C ASP B 46 -15.94 -5.00 -29.73
N TYR B 47 -15.83 -4.11 -28.74
CA TYR B 47 -15.53 -2.70 -29.02
C TYR B 47 -14.54 -2.15 -28.02
N ASN B 48 -13.78 -1.14 -28.45
CA ASN B 48 -12.80 -0.48 -27.59
C ASN B 48 -13.62 0.38 -26.61
N GLY B 49 -13.19 0.42 -25.35
CA GLY B 49 -13.90 1.18 -24.33
C GLY B 49 -14.21 2.63 -24.67
N TRP B 50 -13.35 3.28 -25.43
CA TRP B 50 -13.57 4.67 -25.81
C TRP B 50 -14.83 4.81 -26.66
N ASP B 51 -15.05 3.85 -27.56
CA ASP B 51 -16.22 3.89 -28.44
C ASP B 51 -17.49 3.54 -27.66
N ILE B 52 -17.35 2.60 -26.72
CA ILE B 52 -18.49 2.17 -25.91
C ILE B 52 -19.02 3.26 -24.97
N ASN B 53 -18.09 3.96 -24.31
CA ASN B 53 -18.47 4.97 -23.33
C ASN B 53 -18.36 6.43 -23.70
N THR B 54 -17.80 6.76 -24.86
CA THR B 54 -17.65 8.16 -25.21
C THR B 54 -17.89 8.47 -26.69
N PRO B 55 -18.00 9.77 -27.01
CA PRO B 55 -18.23 10.21 -28.41
C PRO B 55 -16.87 10.51 -29.04
N ALA B 56 -15.84 9.78 -28.62
CA ALA B 56 -14.47 9.97 -29.12
C ALA B 56 -14.34 10.12 -30.63
N PHE B 57 -14.94 9.21 -31.39
CA PHE B 57 -14.86 9.30 -32.85
C PHE B 57 -15.48 10.58 -33.37
N GLU B 58 -16.64 10.93 -32.81
CA GLU B 58 -17.35 12.14 -33.22
C GLU B 58 -16.52 13.37 -32.85
N GLU B 59 -15.88 13.30 -31.69
CA GLU B 59 -15.06 14.40 -31.20
C GLU B 59 -13.80 14.68 -32.01
N TYR B 60 -13.22 13.66 -32.63
CA TYR B 60 -12.02 13.84 -33.44
C TYR B 60 -12.29 13.83 -34.96
N TYR B 61 -13.55 13.72 -35.32
CA TYR B 61 -13.95 13.72 -36.74
C TYR B 61 -13.55 15.06 -37.37
N GLN B 62 -12.85 15.01 -38.50
CA GLN B 62 -12.40 16.21 -39.22
C GLN B 62 -11.42 17.03 -38.39
N SER B 63 -10.70 16.38 -37.50
CA SER B 63 -9.72 17.03 -36.65
C SER B 63 -8.38 17.11 -37.37
N GLY B 64 -8.26 16.40 -38.48
CA GLY B 64 -7.02 16.39 -39.23
C GLY B 64 -6.13 15.24 -38.75
N LEU B 65 -6.69 14.43 -37.86
CA LEU B 65 -5.97 13.29 -37.29
C LEU B 65 -6.79 12.01 -37.44
N SER B 66 -6.12 10.89 -37.68
CA SER B 66 -6.82 9.61 -37.77
C SER B 66 -6.97 9.14 -36.33
N VAL B 67 -7.91 8.22 -36.11
CA VAL B 67 -8.15 7.69 -34.77
C VAL B 67 -8.09 6.17 -34.83
N ILE B 68 -7.24 5.60 -33.98
CA ILE B 68 -7.06 4.17 -33.92
C ILE B 68 -7.48 3.60 -32.57
N MET B 69 -8.42 2.67 -32.59
CA MET B 69 -8.90 2.02 -31.39
C MET B 69 -8.70 0.51 -31.44
N PRO B 70 -7.57 0.02 -30.94
CA PRO B 70 -7.38 -1.44 -30.99
C PRO B 70 -8.41 -2.08 -30.07
N VAL B 71 -8.83 -3.28 -30.41
CA VAL B 71 -9.83 -3.98 -29.61
C VAL B 71 -9.28 -5.24 -28.95
N GLY B 72 -9.59 -5.41 -27.67
CA GLY B 72 -9.14 -6.58 -26.94
C GLY B 72 -7.99 -6.31 -25.97
N GLY B 73 -7.39 -7.39 -25.48
CA GLY B 73 -6.27 -7.26 -24.56
C GLY B 73 -6.63 -7.01 -23.11
N GLN B 74 -7.73 -7.58 -22.64
CA GLN B 74 -8.14 -7.40 -21.25
C GLN B 74 -6.95 -7.65 -20.33
N SER B 75 -6.75 -6.75 -19.36
CA SER B 75 -5.67 -6.85 -18.37
C SER B 75 -4.28 -7.07 -18.96
N SER B 76 -4.06 -6.65 -20.20
CA SER B 76 -2.76 -6.86 -20.86
C SER B 76 -1.70 -5.79 -20.63
N PHE B 77 -2.13 -4.61 -20.22
CA PHE B 77 -1.22 -3.48 -20.03
C PHE B 77 -0.50 -3.15 -21.34
N TYR B 78 -1.06 -3.66 -22.44
CA TYR B 78 -0.50 -3.44 -23.77
C TYR B 78 1.01 -3.67 -23.79
N THR B 79 1.45 -4.69 -23.08
CA THR B 79 2.88 -5.01 -22.99
C THR B 79 3.12 -6.39 -23.59
N ASP B 80 4.40 -6.74 -23.76
CA ASP B 80 4.77 -8.05 -24.27
C ASP B 80 5.01 -8.95 -23.05
N TRP B 81 4.16 -9.95 -22.89
CA TRP B 81 4.24 -10.87 -21.76
C TRP B 81 5.35 -11.92 -21.87
N TYR B 82 5.79 -12.41 -20.71
CA TYR B 82 6.83 -13.44 -20.67
C TYR B 82 6.24 -14.77 -21.16
N GLN B 83 4.98 -15.02 -20.82
CA GLN B 83 4.33 -16.27 -21.20
C GLN B 83 2.81 -16.20 -21.09
N PRO B 84 2.12 -17.24 -21.58
CA PRO B 84 0.65 -17.25 -21.51
C PRO B 84 0.23 -17.09 -20.06
N SER B 85 -0.90 -16.43 -19.82
CA SER B 85 -1.36 -16.23 -18.45
C SER B 85 -1.61 -17.57 -17.78
N GLN B 86 -0.78 -17.90 -16.80
CA GLN B 86 -0.90 -19.16 -16.06
C GLN B 86 -2.01 -19.01 -15.03
N SER B 87 -3.24 -19.30 -15.43
CA SER B 87 -4.38 -19.16 -14.52
C SER B 87 -5.74 -19.36 -15.19
N ASN B 88 -5.96 -18.62 -16.28
CA ASN B 88 -7.23 -18.67 -16.99
C ASN B 88 -7.22 -19.47 -18.28
N GLY B 89 -6.18 -20.27 -18.50
CA GLY B 89 -6.12 -21.07 -19.70
C GLY B 89 -5.83 -20.34 -21.00
N GLN B 90 -5.26 -19.15 -20.92
CA GLN B 90 -4.92 -18.41 -22.14
C GLN B 90 -3.98 -19.32 -22.92
N ASN B 91 -4.26 -19.53 -24.20
CA ASN B 91 -3.44 -20.43 -25.01
C ASN B 91 -2.43 -19.76 -25.94
N TYR B 92 -2.10 -18.51 -25.66
CA TYR B 92 -1.12 -17.77 -26.46
C TYR B 92 -0.53 -16.67 -25.59
N THR B 93 0.62 -16.14 -26.00
CA THR B 93 1.28 -15.10 -25.23
C THR B 93 0.95 -13.71 -25.76
N TYR B 94 0.48 -12.84 -24.86
CA TYR B 94 0.18 -11.46 -25.23
C TYR B 94 1.47 -10.81 -25.71
N LYS B 95 1.43 -10.17 -26.87
CA LYS B 95 2.60 -9.46 -27.39
C LYS B 95 2.07 -8.12 -27.92
N TRP B 96 1.38 -7.40 -27.06
CA TRP B 96 0.78 -6.12 -27.44
C TRP B 96 1.73 -4.97 -27.74
N GLU B 97 2.92 -4.99 -27.15
CA GLU B 97 3.86 -3.92 -27.45
C GLU B 97 4.37 -4.13 -28.88
N THR B 98 4.63 -5.39 -29.23
CA THR B 98 5.09 -5.72 -30.57
C THR B 98 4.02 -5.35 -31.60
N PHE B 99 2.76 -5.67 -31.28
CA PHE B 99 1.65 -5.38 -32.18
C PHE B 99 1.50 -3.89 -32.46
N LEU B 100 1.46 -3.11 -31.38
CA LEU B 100 1.27 -1.66 -31.49
C LEU B 100 2.43 -0.90 -32.09
N THR B 101 3.65 -1.39 -31.90
CA THR B 101 4.82 -0.67 -32.41
C THR B 101 5.41 -1.21 -33.71
N ARG B 102 4.98 -2.41 -34.12
CA ARG B 102 5.50 -3.01 -35.34
C ARG B 102 4.45 -3.53 -36.31
N GLU B 103 3.65 -4.49 -35.87
CA GLU B 103 2.65 -5.11 -36.75
C GLU B 103 1.50 -4.20 -37.20
N MET B 104 0.83 -3.54 -36.26
CA MET B 104 -0.29 -2.67 -36.63
C MET B 104 0.14 -1.47 -37.46
N PRO B 105 1.15 -0.72 -37.01
CA PRO B 105 1.58 0.44 -37.81
C PRO B 105 2.00 0.09 -39.23
N ALA B 106 2.63 -1.06 -39.42
CA ALA B 106 3.06 -1.48 -40.75
C ALA B 106 1.82 -1.70 -41.62
N TRP B 107 0.81 -2.33 -41.04
CA TRP B 107 -0.44 -2.63 -41.73
C TRP B 107 -1.15 -1.35 -42.16
N LEU B 108 -1.31 -0.43 -41.20
CA LEU B 108 -1.98 0.84 -41.47
C LEU B 108 -1.23 1.71 -42.48
N GLN B 109 0.09 1.63 -42.51
CA GLN B 109 0.86 2.42 -43.45
C GLN B 109 0.70 1.86 -44.87
N ALA B 110 0.94 0.56 -45.00
CA ALA B 110 0.85 -0.10 -46.29
C ALA B 110 -0.53 0.02 -46.96
N ASN B 111 -1.58 -0.19 -46.19
CA ASN B 111 -2.93 -0.16 -46.74
C ASN B 111 -3.70 1.15 -46.69
N LYS B 112 -3.34 2.05 -45.78
CA LYS B 112 -4.07 3.30 -45.67
C LYS B 112 -3.26 4.58 -45.70
N GLY B 113 -1.94 4.47 -45.65
CA GLY B 113 -1.12 5.66 -45.68
C GLY B 113 -0.96 6.34 -44.33
N VAL B 114 -1.24 5.63 -43.25
CA VAL B 114 -1.08 6.21 -41.93
C VAL B 114 0.42 6.14 -41.62
N SER B 115 1.01 7.27 -41.27
CA SER B 115 2.43 7.31 -40.95
C SER B 115 2.76 6.53 -39.68
N PRO B 116 3.83 5.72 -39.71
CA PRO B 116 4.24 4.93 -38.53
C PRO B 116 4.89 5.84 -37.48
N THR B 117 5.18 7.08 -37.87
CA THR B 117 5.83 8.03 -36.95
C THR B 117 5.02 9.30 -36.77
N GLY B 118 5.32 10.05 -35.70
CA GLY B 118 4.64 11.30 -35.43
C GLY B 118 3.21 11.20 -34.92
N ASN B 119 2.94 10.16 -34.14
CA ASN B 119 1.60 9.94 -33.60
C ASN B 119 1.50 10.20 -32.10
N ALA B 120 0.31 10.00 -31.55
CA ALA B 120 0.08 10.19 -30.12
C ALA B 120 -0.50 8.94 -29.51
N ALA B 121 0.00 8.59 -28.33
CA ALA B 121 -0.51 7.42 -27.62
C ALA B 121 -1.31 7.99 -26.45
N VAL B 122 -2.57 7.59 -26.35
CA VAL B 122 -3.45 8.06 -25.28
C VAL B 122 -4.03 6.85 -24.54
N GLY B 123 -3.82 6.83 -23.23
CA GLY B 123 -4.32 5.74 -22.43
C GLY B 123 -4.97 6.26 -21.17
N LEU B 124 -5.73 5.39 -20.52
CA LEU B 124 -6.42 5.75 -19.29
C LEU B 124 -6.38 4.55 -18.36
N SER B 125 -6.41 4.80 -17.06
CA SER B 125 -6.39 3.73 -16.07
C SER B 125 -5.21 2.82 -16.41
N MET B 126 -5.48 1.54 -16.63
CA MET B 126 -4.43 0.58 -16.96
C MET B 126 -3.42 1.08 -18.01
N SER B 127 -3.93 1.55 -19.14
CA SER B 127 -3.06 2.00 -20.23
C SER B 127 -2.45 3.39 -20.11
N GLY B 128 -2.76 4.11 -19.04
CA GLY B 128 -2.17 5.43 -18.87
C GLY B 128 -0.66 5.29 -18.85
N GLY B 129 -0.17 4.37 -18.02
CA GLY B 129 1.25 4.13 -17.94
C GLY B 129 1.79 3.57 -19.25
N SER B 130 1.03 2.68 -19.89
CA SER B 130 1.44 2.09 -21.15
C SER B 130 1.75 3.15 -22.22
N ALA B 131 0.89 4.17 -22.31
CA ALA B 131 1.09 5.23 -23.29
C ALA B 131 2.43 5.94 -23.04
N LEU B 132 2.73 6.23 -21.78
CA LEU B 132 3.98 6.90 -21.46
C LEU B 132 5.19 5.99 -21.74
N ILE B 133 5.05 4.70 -21.45
CA ILE B 133 6.13 3.73 -21.70
C ILE B 133 6.36 3.61 -23.20
N LEU B 134 5.28 3.62 -23.98
CA LEU B 134 5.40 3.53 -25.42
C LEU B 134 6.20 4.71 -25.96
N ALA B 135 5.90 5.90 -25.45
CA ALA B 135 6.63 7.10 -25.88
C ALA B 135 8.07 7.04 -25.42
N ALA B 136 8.27 6.54 -24.19
CA ALA B 136 9.61 6.43 -23.63
C ALA B 136 10.55 5.57 -24.48
N TYR B 137 10.06 4.43 -24.98
CA TYR B 137 10.92 3.57 -25.78
C TYR B 137 10.76 3.71 -27.30
N TYR B 138 9.70 4.36 -27.73
CA TYR B 138 9.47 4.55 -29.17
C TYR B 138 9.14 6.02 -29.44
N PRO B 139 10.11 6.92 -29.18
CA PRO B 139 9.95 8.37 -29.39
C PRO B 139 9.57 8.82 -30.79
N GLN B 140 10.12 8.15 -31.80
CA GLN B 140 9.83 8.51 -33.19
C GLN B 140 8.37 8.23 -33.54
N GLN B 141 7.85 7.11 -33.05
CA GLN B 141 6.47 6.75 -33.31
C GLN B 141 5.52 7.59 -32.46
N PHE B 142 5.92 7.86 -31.23
CA PHE B 142 5.10 8.62 -30.30
C PHE B 142 5.72 9.86 -29.67
N PRO B 143 5.77 10.98 -30.40
CA PRO B 143 6.35 12.17 -29.78
C PRO B 143 5.35 12.79 -28.79
N TYR B 144 4.15 12.21 -28.73
CA TYR B 144 3.11 12.70 -27.82
C TYR B 144 2.49 11.53 -27.07
N ALA B 145 2.33 11.67 -25.76
CA ALA B 145 1.71 10.63 -24.95
C ALA B 145 0.89 11.25 -23.85
N ALA B 146 -0.31 10.72 -23.65
CA ALA B 146 -1.21 11.20 -22.61
C ALA B 146 -1.59 10.05 -21.70
N SER B 147 -1.57 10.31 -20.40
CA SER B 147 -1.93 9.31 -19.40
C SER B 147 -3.07 9.90 -18.59
N LEU B 148 -4.22 9.23 -18.62
CA LEU B 148 -5.39 9.70 -17.89
C LEU B 148 -5.65 8.76 -16.72
N SER B 149 -5.43 9.28 -15.50
CA SER B 149 -5.63 8.50 -14.29
C SER B 149 -4.82 7.20 -14.35
N GLY B 150 -3.58 7.29 -14.82
CA GLY B 150 -2.75 6.10 -14.90
C GLY B 150 -2.11 5.73 -13.56
N PHE B 151 -1.50 4.54 -13.52
CA PHE B 151 -0.81 4.06 -12.33
C PHE B 151 0.64 4.17 -12.77
N LEU B 152 1.22 5.32 -12.42
CA LEU B 152 2.56 5.68 -12.86
C LEU B 152 3.81 5.23 -12.10
N ASN B 153 3.66 4.30 -11.17
CA ASN B 153 4.81 3.79 -10.42
C ASN B 153 4.49 2.33 -10.08
N PRO B 154 4.18 1.53 -11.11
CA PRO B 154 3.83 0.11 -10.94
C PRO B 154 4.79 -0.79 -10.16
N SER B 155 6.08 -0.48 -10.17
CA SER B 155 7.06 -1.29 -9.46
C SER B 155 7.26 -0.89 -7.99
N GLU B 156 6.63 0.19 -7.57
CA GLU B 156 6.81 0.66 -6.20
C GLU B 156 5.83 0.11 -5.17
N GLY B 157 6.36 -0.11 -3.97
CA GLY B 157 5.57 -0.59 -2.84
C GLY B 157 4.58 -1.71 -3.10
N TRP B 158 3.32 -1.43 -2.78
CA TRP B 158 2.27 -2.43 -2.95
C TRP B 158 1.62 -2.46 -4.32
N TRP B 159 2.08 -1.62 -5.24
CA TRP B 159 1.47 -1.60 -6.58
C TRP B 159 1.52 -2.93 -7.30
N PRO B 160 2.67 -3.64 -7.27
CA PRO B 160 2.70 -4.93 -7.97
C PRO B 160 1.59 -5.86 -7.48
N THR B 161 1.39 -5.89 -6.16
CA THR B 161 0.37 -6.73 -5.56
C THR B 161 -1.04 -6.29 -5.95
N LEU B 162 -1.28 -4.98 -5.89
CA LEU B 162 -2.58 -4.44 -6.23
C LEU B 162 -2.91 -4.68 -7.70
N ILE B 163 -1.90 -4.51 -8.56
CA ILE B 163 -2.08 -4.72 -9.99
C ILE B 163 -2.37 -6.20 -10.23
N GLY B 164 -1.69 -7.06 -9.50
CA GLY B 164 -1.90 -8.50 -9.66
C GLY B 164 -3.34 -8.87 -9.30
N LEU B 165 -3.85 -8.28 -8.23
CA LEU B 165 -5.20 -8.57 -7.79
C LEU B 165 -6.25 -8.00 -8.74
N ALA B 166 -5.96 -6.83 -9.31
CA ALA B 166 -6.89 -6.21 -10.25
C ALA B 166 -6.95 -7.05 -11.52
N MET B 167 -5.79 -7.53 -11.95
CA MET B 167 -5.69 -8.36 -13.14
C MET B 167 -6.46 -9.67 -12.97
N ASN B 168 -6.41 -10.22 -11.76
CA ASN B 168 -7.12 -11.46 -11.49
C ASN B 168 -8.62 -11.23 -11.53
N ASP B 169 -9.05 -10.10 -10.98
CA ASP B 169 -10.47 -9.75 -10.96
C ASP B 169 -10.98 -9.48 -12.36
N SER B 170 -10.09 -9.06 -13.26
CA SER B 170 -10.48 -8.76 -14.63
C SER B 170 -10.04 -9.84 -15.63
N GLY B 171 -10.79 -10.94 -15.64
CA GLY B 171 -10.47 -12.03 -16.56
C GLY B 171 -9.59 -13.12 -16.00
N GLY B 172 -9.20 -13.00 -14.73
CA GLY B 172 -8.37 -14.02 -14.12
C GLY B 172 -6.94 -14.07 -14.62
N TYR B 173 -6.43 -12.93 -15.09
CA TYR B 173 -5.06 -12.88 -15.59
C TYR B 173 -4.03 -12.84 -14.46
N ASN B 174 -2.83 -13.35 -14.75
CA ASN B 174 -1.76 -13.43 -13.76
C ASN B 174 -0.59 -12.48 -14.05
N ALA B 175 -0.39 -11.50 -13.18
CA ALA B 175 0.71 -10.54 -13.35
C ALA B 175 2.09 -11.20 -13.40
N ASN B 176 2.22 -12.34 -12.73
CA ASN B 176 3.49 -13.05 -12.73
C ASN B 176 3.85 -13.55 -14.13
N SER B 177 2.84 -13.88 -14.92
CA SER B 177 3.07 -14.35 -16.28
C SER B 177 3.43 -13.17 -17.18
N MET B 178 3.02 -11.97 -16.77
CA MET B 178 3.28 -10.76 -17.54
C MET B 178 4.71 -10.24 -17.37
N TRP B 179 5.01 -9.70 -16.20
CA TRP B 179 6.34 -9.17 -15.93
C TRP B 179 7.09 -9.93 -14.83
N GLY B 180 6.61 -11.12 -14.48
CA GLY B 180 7.24 -11.93 -13.46
C GLY B 180 7.06 -11.42 -12.04
N PRO B 181 7.84 -11.93 -11.07
CA PRO B 181 7.70 -11.46 -9.69
C PRO B 181 8.13 -9.99 -9.63
N SER B 182 7.67 -9.27 -8.62
CA SER B 182 7.99 -7.85 -8.51
C SER B 182 9.47 -7.53 -8.58
N SER B 183 10.33 -8.51 -8.30
CA SER B 183 11.77 -8.29 -8.34
C SER B 183 12.33 -8.40 -9.76
N ASP B 184 11.53 -8.89 -10.70
CA ASP B 184 11.96 -9.02 -12.08
C ASP B 184 12.22 -7.63 -12.67
N PRO B 185 13.26 -7.48 -13.50
CA PRO B 185 13.55 -6.17 -14.09
C PRO B 185 12.46 -5.60 -14.99
N ALA B 186 11.53 -6.45 -15.43
CA ALA B 186 10.45 -5.98 -16.30
C ALA B 186 9.55 -4.96 -15.59
N TRP B 187 9.43 -5.06 -14.27
CA TRP B 187 8.58 -4.11 -13.54
C TRP B 187 9.12 -2.69 -13.63
N LYS B 188 10.44 -2.53 -13.45
CA LYS B 188 11.02 -1.20 -13.54
C LYS B 188 11.14 -0.73 -15.00
N ARG B 189 11.32 -1.65 -15.92
CA ARG B 189 11.42 -1.31 -17.33
C ARG B 189 10.13 -0.63 -17.81
N ASN B 190 9.00 -1.10 -17.27
CA ASN B 190 7.69 -0.58 -17.64
C ASN B 190 7.07 0.37 -16.61
N ASP B 191 7.90 0.95 -15.76
CA ASP B 191 7.44 1.88 -14.74
C ASP B 191 7.69 3.30 -15.25
N PRO B 192 6.62 4.05 -15.55
CA PRO B 192 6.76 5.41 -16.05
C PRO B 192 7.66 6.29 -15.18
N MET B 193 7.48 6.17 -13.87
CA MET B 193 8.28 6.95 -12.92
C MET B 193 9.76 6.71 -13.17
N VAL B 194 10.13 5.43 -13.26
CA VAL B 194 11.51 5.04 -13.49
C VAL B 194 12.03 5.47 -14.85
N GLN B 195 11.14 5.53 -15.83
CA GLN B 195 11.53 5.91 -17.19
C GLN B 195 11.41 7.39 -17.51
N ILE B 196 11.14 8.21 -16.49
CA ILE B 196 11.02 9.65 -16.70
C ILE B 196 12.22 10.24 -17.45
N PRO B 197 13.45 9.78 -17.12
CA PRO B 197 14.64 10.30 -17.80
C PRO B 197 14.56 10.13 -19.33
N ARG B 198 13.92 9.07 -19.80
CA ARG B 198 13.80 8.84 -21.24
C ARG B 198 12.82 9.84 -21.84
N LEU B 199 11.72 10.10 -21.14
CA LEU B 199 10.71 11.05 -21.60
C LEU B 199 11.31 12.46 -21.67
N VAL B 200 12.20 12.77 -20.73
CA VAL B 200 12.85 14.08 -20.72
C VAL B 200 13.86 14.17 -21.86
N ALA B 201 14.76 13.19 -21.92
CA ALA B 201 15.79 13.14 -22.97
C ALA B 201 15.16 13.28 -24.35
N ASN B 202 14.04 12.61 -24.57
CA ASN B 202 13.38 12.66 -25.87
C ASN B 202 12.47 13.87 -26.03
N ASN B 203 12.34 14.66 -24.98
CA ASN B 203 11.49 15.85 -24.99
C ASN B 203 10.07 15.51 -25.45
N THR B 204 9.58 14.34 -25.01
CA THR B 204 8.24 13.89 -25.34
C THR B 204 7.24 14.89 -24.81
N ARG B 205 6.16 15.13 -25.57
CA ARG B 205 5.13 16.05 -25.10
C ARG B 205 4.18 15.15 -24.31
N ILE B 206 4.07 15.36 -23.01
CA ILE B 206 3.18 14.53 -22.21
C ILE B 206 2.04 15.30 -21.59
N TRP B 207 0.88 14.65 -21.55
CA TRP B 207 -0.33 15.22 -20.98
C TRP B 207 -0.73 14.24 -19.88
N VAL B 208 -0.54 14.66 -18.64
CA VAL B 208 -0.85 13.80 -17.50
C VAL B 208 -2.01 14.31 -16.68
N TYR B 209 -3.03 13.49 -16.54
CA TYR B 209 -4.21 13.87 -15.77
C TYR B 209 -4.59 12.87 -14.69
N CYS B 210 -5.21 13.39 -13.64
CA CYS B 210 -5.70 12.56 -12.55
C CYS B 210 -6.60 13.39 -11.65
N GLY B 211 -7.78 12.87 -11.35
CA GLY B 211 -8.72 13.57 -10.49
C GLY B 211 -8.30 13.37 -9.04
N ASN B 212 -9.12 13.82 -8.11
CA ASN B 212 -8.79 13.69 -6.69
C ASN B 212 -9.78 12.81 -5.92
N GLY B 213 -10.76 12.25 -6.63
CA GLY B 213 -11.73 11.40 -5.96
C GLY B 213 -13.08 12.05 -5.68
N THR B 214 -13.17 13.37 -5.85
CA THR B 214 -14.43 14.07 -5.63
C THR B 214 -15.19 14.20 -6.93
N PRO B 215 -16.36 13.54 -7.03
CA PRO B 215 -17.13 13.64 -8.27
C PRO B 215 -17.66 15.04 -8.55
N SER B 216 -17.78 15.38 -9.83
CA SER B 216 -18.34 16.67 -10.24
C SER B 216 -19.70 16.30 -10.82
N ASP B 217 -20.30 17.20 -11.58
CA ASP B 217 -21.60 16.90 -12.18
C ASP B 217 -21.49 15.85 -13.28
N LEU B 218 -20.27 15.49 -13.65
CA LEU B 218 -20.07 14.48 -14.68
C LEU B 218 -20.43 13.08 -14.17
N GLY B 219 -20.54 12.94 -12.86
CA GLY B 219 -20.92 11.64 -12.29
C GLY B 219 -19.78 10.75 -11.85
N GLY B 220 -19.98 9.44 -12.03
CA GLY B 220 -18.97 8.47 -11.63
C GLY B 220 -18.83 8.41 -10.13
N ASP B 221 -19.94 8.63 -9.43
CA ASP B 221 -19.92 8.63 -7.97
C ASP B 221 -20.20 7.26 -7.34
N ASN B 222 -19.14 6.49 -7.14
CA ASN B 222 -19.23 5.17 -6.50
C ASN B 222 -17.91 4.97 -5.77
N ILE B 223 -17.95 4.27 -4.65
CA ILE B 223 -16.75 4.04 -3.84
C ILE B 223 -15.49 3.61 -4.58
N PRO B 224 -15.58 2.57 -5.43
CA PRO B 224 -14.38 2.12 -6.15
C PRO B 224 -13.77 3.23 -7.02
N ALA B 225 -14.62 3.93 -7.77
CA ALA B 225 -14.16 5.00 -8.63
C ALA B 225 -13.53 6.17 -7.86
N LYS B 226 -14.08 6.46 -6.69
CA LYS B 226 -13.55 7.56 -5.88
C LYS B 226 -12.24 7.19 -5.19
N PHE B 227 -12.20 5.98 -4.62
CA PHE B 227 -10.98 5.54 -3.92
C PHE B 227 -9.79 5.37 -4.86
N LEU B 228 -10.00 4.68 -5.97
CA LEU B 228 -8.92 4.46 -6.93
C LEU B 228 -8.29 5.75 -7.43
N GLU B 229 -9.13 6.73 -7.76
CA GLU B 229 -8.63 8.01 -8.26
C GLU B 229 -7.81 8.71 -7.18
N GLY B 230 -8.34 8.74 -5.96
CA GLY B 230 -7.63 9.37 -4.87
C GLY B 230 -6.31 8.68 -4.59
N LEU B 231 -6.30 7.36 -4.73
CA LEU B 231 -5.09 6.57 -4.50
C LEU B 231 -4.02 6.85 -5.54
N THR B 232 -4.35 6.68 -6.83
CA THR B 232 -3.34 6.90 -7.86
C THR B 232 -2.91 8.36 -8.02
N LEU B 233 -3.73 9.30 -7.57
CA LEU B 233 -3.34 10.71 -7.67
C LEU B 233 -1.99 10.91 -6.99
N ARG B 234 -1.76 10.16 -5.91
CA ARG B 234 -0.51 10.26 -5.17
C ARG B 234 0.68 9.94 -6.07
N THR B 235 0.52 8.90 -6.89
CA THR B 235 1.57 8.49 -7.80
C THR B 235 1.74 9.54 -8.89
N ASN B 236 0.63 10.15 -9.29
CA ASN B 236 0.65 11.17 -10.33
C ASN B 236 1.33 12.46 -9.87
N GLN B 237 1.09 12.85 -8.62
CA GLN B 237 1.70 14.07 -8.08
C GLN B 237 3.22 13.85 -7.97
N THR B 238 3.61 12.65 -7.57
CA THR B 238 5.02 12.30 -7.44
C THR B 238 5.66 12.21 -8.82
N PHE B 239 4.89 11.74 -9.80
CA PHE B 239 5.39 11.64 -11.17
C PHE B 239 5.70 13.06 -11.61
N ARG B 240 4.73 13.95 -11.41
CA ARG B 240 4.87 15.35 -11.77
C ARG B 240 6.12 15.95 -11.12
N ASP B 241 6.26 15.75 -9.81
CA ASP B 241 7.40 16.24 -9.05
C ASP B 241 8.73 15.74 -9.61
N THR B 242 8.78 14.44 -9.87
CA THR B 242 9.99 13.83 -10.39
C THR B 242 10.32 14.31 -11.81
N TYR B 243 9.28 14.43 -12.64
CA TYR B 243 9.47 14.90 -14.01
C TYR B 243 10.13 16.28 -13.98
N ALA B 244 9.57 17.17 -13.17
CA ALA B 244 10.11 18.52 -13.05
C ALA B 244 11.54 18.51 -12.52
N ALA B 245 11.76 17.75 -11.45
CA ALA B 245 13.09 17.65 -10.84
C ALA B 245 14.14 17.11 -11.81
N ASP B 246 13.73 16.22 -12.71
CA ASP B 246 14.66 15.66 -13.68
C ASP B 246 14.89 16.55 -14.89
N GLY B 247 14.29 17.74 -14.87
CA GLY B 247 14.47 18.67 -15.97
C GLY B 247 13.40 18.61 -17.06
N GLY B 248 12.31 17.90 -16.81
CA GLY B 248 11.25 17.81 -17.80
C GLY B 248 10.65 19.18 -18.05
N ARG B 249 10.38 19.52 -19.31
CA ARG B 249 9.81 20.83 -19.62
C ARG B 249 8.82 20.81 -20.79
N ASN B 250 8.22 19.66 -21.07
CA ASN B 250 7.27 19.61 -22.17
C ASN B 250 6.01 18.89 -21.73
N GLY B 251 5.57 19.16 -20.50
CA GLY B 251 4.38 18.49 -20.02
C GLY B 251 3.24 19.39 -19.58
N VAL B 252 2.06 18.79 -19.55
CA VAL B 252 0.84 19.46 -19.11
C VAL B 252 0.31 18.56 -18.00
N PHE B 253 0.20 19.10 -16.79
CA PHE B 253 -0.29 18.32 -15.67
C PHE B 253 -1.63 18.89 -15.18
N ASN B 254 -2.67 18.08 -15.33
CA ASN B 254 -4.02 18.49 -14.93
C ASN B 254 -4.48 17.73 -13.71
N PHE B 255 -4.46 18.40 -12.57
CA PHE B 255 -4.87 17.82 -11.30
C PHE B 255 -5.94 18.68 -10.66
N PRO B 256 -7.12 18.78 -11.30
CA PRO B 256 -8.20 19.60 -10.75
C PRO B 256 -8.75 18.96 -9.47
N PRO B 257 -9.46 19.74 -8.64
CA PRO B 257 -10.03 19.23 -7.38
C PRO B 257 -11.34 18.47 -7.56
N ASN B 258 -11.39 17.61 -8.58
CA ASN B 258 -12.56 16.80 -8.87
C ASN B 258 -12.14 15.62 -9.75
N GLY B 259 -13.07 14.71 -10.00
CA GLY B 259 -12.80 13.56 -10.85
C GLY B 259 -12.68 12.21 -10.16
N THR B 260 -13.35 11.20 -10.72
CA THR B 260 -13.28 9.84 -10.18
C THR B 260 -12.73 8.96 -11.29
N HIS B 261 -12.44 7.70 -10.96
CA HIS B 261 -11.89 6.78 -11.96
C HIS B 261 -13.00 6.32 -12.89
N SER B 262 -13.51 7.21 -13.74
CA SER B 262 -14.58 6.85 -14.65
C SER B 262 -14.48 7.55 -16.02
N TRP B 263 -15.19 7.00 -17.00
CA TRP B 263 -15.17 7.52 -18.37
C TRP B 263 -15.52 8.98 -18.64
N PRO B 264 -16.54 9.52 -17.96
CA PRO B 264 -16.88 10.93 -18.21
C PRO B 264 -15.67 11.87 -18.12
N TYR B 265 -14.84 11.66 -17.12
CA TYR B 265 -13.67 12.50 -16.93
C TYR B 265 -12.59 12.25 -17.97
N TRP B 266 -12.43 11.00 -18.39
CA TRP B 266 -11.43 10.69 -19.39
C TRP B 266 -11.85 11.30 -20.73
N ASN B 267 -13.15 11.32 -21.00
CA ASN B 267 -13.63 11.91 -22.26
C ASN B 267 -13.41 13.43 -22.23
N GLU B 268 -13.64 14.04 -21.07
CA GLU B 268 -13.46 15.49 -20.91
C GLU B 268 -12.01 15.86 -21.23
N GLN B 269 -11.08 15.01 -20.83
CA GLN B 269 -9.67 15.23 -21.09
C GLN B 269 -9.31 14.98 -22.55
N LEU B 270 -9.91 13.97 -23.14
CA LEU B 270 -9.66 13.66 -24.54
C LEU B 270 -10.00 14.89 -25.39
N VAL B 271 -11.11 15.53 -25.05
CA VAL B 271 -11.54 16.72 -25.79
C VAL B 271 -10.59 17.89 -25.51
N ALA B 272 -10.23 18.06 -24.24
CA ALA B 272 -9.35 19.15 -23.85
C ALA B 272 -7.97 19.09 -24.51
N MET B 273 -7.45 17.88 -24.71
CA MET B 273 -6.13 17.70 -25.32
C MET B 273 -6.13 17.75 -26.85
N LYS B 274 -7.29 17.69 -27.47
CA LYS B 274 -7.35 17.69 -28.94
C LYS B 274 -6.53 18.80 -29.59
N ALA B 275 -6.78 20.04 -29.20
CA ALA B 275 -6.04 21.16 -29.77
C ALA B 275 -4.55 21.01 -29.51
N ASP B 276 -4.19 20.45 -28.35
CA ASP B 276 -2.80 20.28 -27.99
C ASP B 276 -2.12 19.30 -28.95
N ILE B 277 -2.80 18.19 -29.23
CA ILE B 277 -2.28 17.18 -30.13
C ILE B 277 -2.18 17.72 -31.56
N GLN B 278 -3.23 18.41 -32.01
CA GLN B 278 -3.24 18.97 -33.36
C GLN B 278 -2.03 19.85 -33.61
N HIS B 279 -1.77 20.76 -32.67
CA HIS B 279 -0.65 21.66 -32.82
C HIS B 279 0.70 20.96 -32.76
N VAL B 280 0.82 19.96 -31.89
CA VAL B 280 2.08 19.24 -31.78
C VAL B 280 2.33 18.30 -32.94
N LEU B 281 1.31 17.57 -33.36
CA LEU B 281 1.48 16.62 -34.46
C LEU B 281 1.36 17.21 -35.87
N ASN B 282 0.58 18.28 -36.01
CA ASN B 282 0.40 18.89 -37.33
C ASN B 282 0.80 20.35 -37.42
N GLY B 283 1.12 20.96 -36.29
CA GLY B 283 1.51 22.36 -36.29
C GLY B 283 0.38 23.28 -36.73
#